data_6TW4
#
_entry.id   6TW4
#
_cell.length_a   40.390
_cell.length_b   60.150
_cell.length_c   88.200
_cell.angle_alpha   90.000
_cell.angle_beta   90.000
_cell.angle_gamma   90.000
#
_symmetry.space_group_name_H-M   'P 21 21 21'
#
loop_
_entity.id
_entity.type
_entity.pdbx_description
1 polymer 'DNA repair and recombination protein RadA'
2 non-polymer ~{N}-[2-[(2~{S})-2-[[(1~{S})-1-(4-methoxyphenyl)ethyl]carbamoyl]pyrrolidin-1-yl]-2-oxidanylidene-ethyl]quinoline-2-carboxamide
3 non-polymer 'CALCIUM ION'
4 water water
#
_entity_poly.entity_id   1
_entity_poly.type   'polypeptide(L)'
_entity_poly.pdbx_seq_one_letter_code
;MATIGRISTGSKSLDKLLGGGIETQAITEVFGEFGSGKTQLAHTLAVMVQLPPEEGGLNGSAMYIDTENTFRPERLREIA
QNRGLDPDEVLDNVAYARAFNSNHQMLLVQQAEDMIKELLNTDRPVKLLIVDSLTSHFRSEYIGRGALAERQQKLAKHLA
DLHRLANLYDIAVFVTNQVQANPDAFFGDPTRPIGGHILAHSATLRVYLRKGKGGKRIARLIDAPHLPEGEAVFSITEKG
IED
;
_entity_poly.pdbx_strand_id   A
#
loop_
_chem_comp.id
_chem_comp.type
_chem_comp.name
_chem_comp.formula
CA non-polymer 'CALCIUM ION' 'Ca 2'
NZW non-polymer ~{N}-[2-[(2~{S})-2-[[(1~{S})-1-(4-methoxyphenyl)ethyl]carbamoyl]pyrrolidin-1-yl]-2-oxidanylidene-ethyl]quinoline-2-carboxamide 'C26 H28 N4 O4'
#
# COMPACT_ATOMS: atom_id res chain seq x y z
N ALA A 2 0.71 -2.80 -21.21
CA ALA A 2 2.02 -2.54 -20.62
C ALA A 2 2.42 -3.66 -19.66
N THR A 3 3.73 -3.96 -19.60
CA THR A 3 4.22 -5.02 -18.70
C THR A 3 3.89 -4.63 -17.25
N ILE A 4 3.53 -5.59 -16.42
CA ILE A 4 3.25 -5.31 -15.02
C ILE A 4 4.63 -5.24 -14.31
N GLY A 5 4.82 -4.22 -13.49
CA GLY A 5 6.03 -4.09 -12.69
C GLY A 5 5.76 -4.68 -11.33
N ARG A 6 6.80 -5.16 -10.63
CA ARG A 6 6.58 -5.73 -9.30
C ARG A 6 7.54 -5.11 -8.30
N ILE A 7 7.07 -4.76 -7.11
CA ILE A 7 7.92 -4.13 -6.08
C ILE A 7 8.07 -5.17 -4.99
N SER A 8 9.31 -5.48 -4.64
CA SER A 8 9.62 -6.44 -3.59
C SER A 8 9.17 -5.88 -2.24
N THR A 9 8.66 -6.76 -1.39
CA THR A 9 8.21 -6.35 -0.08
C THR A 9 9.36 -6.38 0.89
N GLY A 10 10.51 -6.92 0.48
CA GLY A 10 11.67 -7.14 1.35
C GLY A 10 11.75 -8.58 1.88
N SER A 11 10.63 -9.33 1.81
CA SER A 11 10.59 -10.70 2.30
C SER A 11 10.44 -11.61 1.11
N LYS A 12 11.32 -12.63 0.98
CA LYS A 12 11.26 -13.61 -0.10
C LYS A 12 9.98 -14.44 0.04
N SER A 13 9.59 -14.74 1.29
CA SER A 13 8.38 -15.51 1.58
C SER A 13 7.13 -14.76 1.08
N LEU A 14 6.99 -13.49 1.49
CA LEU A 14 5.85 -12.68 1.09
C LEU A 14 5.88 -12.44 -0.39
N ASP A 15 7.06 -12.14 -0.97
CA ASP A 15 7.13 -12.00 -2.45
C ASP A 15 6.62 -13.25 -3.16
N LYS A 16 7.00 -14.47 -2.68
CA LYS A 16 6.52 -15.70 -3.34
C LYS A 16 5.00 -15.81 -3.30
N LEU A 17 4.43 -15.55 -2.14
CA LEU A 17 2.98 -15.57 -1.99
C LEU A 17 2.29 -14.60 -2.96
N LEU A 18 2.92 -13.45 -3.21
CA LEU A 18 2.32 -12.43 -4.09
C LEU A 18 2.63 -12.67 -5.57
N GLY A 19 3.47 -13.66 -5.88
CA GLY A 19 3.83 -13.96 -7.25
C GLY A 19 4.96 -13.09 -7.75
N GLY A 20 5.77 -12.55 -6.83
CA GLY A 20 6.93 -11.74 -7.19
C GLY A 20 7.07 -10.44 -6.46
N GLY A 21 5.96 -9.94 -5.93
CA GLY A 21 5.90 -8.68 -5.20
C GLY A 21 4.60 -7.97 -5.49
N ILE A 22 4.45 -6.71 -5.01
CA ILE A 22 3.27 -5.88 -5.24
C ILE A 22 3.24 -5.42 -6.69
N GLU A 23 2.10 -5.61 -7.37
CA GLU A 23 2.04 -5.30 -8.79
C GLU A 23 1.63 -3.89 -9.12
N THR A 24 2.12 -3.38 -10.26
CA THR A 24 1.58 -2.12 -10.77
C THR A 24 0.28 -2.51 -11.51
N GLN A 25 -0.56 -1.52 -11.85
CA GLN A 25 -1.84 -1.72 -12.55
C GLN A 25 -2.79 -2.57 -11.68
N ALA A 26 -2.67 -2.44 -10.36
CA ALA A 26 -3.49 -3.21 -9.43
C ALA A 26 -3.56 -2.45 -8.15
N ILE A 27 -4.60 -2.73 -7.38
CA ILE A 27 -4.73 -2.27 -6.00
C ILE A 27 -4.53 -3.48 -5.14
N THR A 28 -3.55 -3.42 -4.23
CA THR A 28 -3.33 -4.52 -3.30
C THR A 28 -3.83 -3.99 -1.95
N GLU A 29 -4.77 -4.71 -1.32
CA GLU A 29 -5.31 -4.30 -0.04
C GLU A 29 -4.77 -5.20 1.01
N VAL A 30 -4.13 -4.63 2.03
N VAL A 30 -4.15 -4.61 2.01
CA VAL A 30 -3.56 -5.41 3.11
CA VAL A 30 -3.63 -5.39 3.10
C VAL A 30 -4.34 -5.11 4.40
C VAL A 30 -4.50 -5.11 4.32
N PHE A 31 -4.95 -6.15 5.00
CA PHE A 31 -5.80 -5.94 6.16
C PHE A 31 -5.38 -6.74 7.34
N GLY A 32 -5.70 -6.21 8.52
CA GLY A 32 -5.37 -6.86 9.78
C GLY A 32 -5.54 -5.91 10.93
N GLU A 33 -5.20 -6.38 12.11
CA GLU A 33 -5.26 -5.61 13.35
C GLU A 33 -4.10 -4.64 13.40
N PHE A 34 -4.17 -3.66 14.33
CA PHE A 34 -3.07 -2.72 14.55
C PHE A 34 -1.80 -3.54 14.88
N GLY A 35 -0.68 -3.20 14.26
CA GLY A 35 0.59 -3.90 14.49
C GLY A 35 0.73 -5.22 13.74
N SER A 36 -0.25 -5.57 12.88
CA SER A 36 -0.17 -6.83 12.11
C SER A 36 0.92 -6.77 11.03
N GLY A 37 1.46 -5.58 10.79
CA GLY A 37 2.52 -5.37 9.81
C GLY A 37 2.11 -4.57 8.60
N LYS A 38 0.80 -4.23 8.47
CA LYS A 38 0.28 -3.48 7.33
C LYS A 38 0.94 -2.12 7.16
N THR A 39 1.19 -1.39 8.26
CA THR A 39 1.85 -0.08 8.11
C THR A 39 3.34 -0.23 7.92
N GLN A 40 3.93 -1.26 8.55
CA GLN A 40 5.35 -1.55 8.38
C GLN A 40 5.58 -1.88 6.90
N LEU A 41 4.66 -2.62 6.29
CA LEU A 41 4.80 -2.98 4.88
C LEU A 41 4.72 -1.73 3.99
N ALA A 42 3.75 -0.85 4.26
CA ALA A 42 3.60 0.44 3.52
C ALA A 42 4.92 1.23 3.59
N HIS A 43 5.50 1.36 4.80
CA HIS A 43 6.77 2.05 4.96
C HIS A 43 7.91 1.38 4.20
N THR A 44 7.98 0.02 4.24
CA THR A 44 9.01 -0.68 3.51
C THR A 44 8.87 -0.49 2.01
N LEU A 45 7.65 -0.57 1.50
CA LEU A 45 7.43 -0.41 0.04
C LEU A 45 7.79 0.98 -0.47
N ALA A 46 7.53 2.02 0.37
CA ALA A 46 7.85 3.42 0.03
C ALA A 46 9.36 3.56 -0.19
N VAL A 47 10.18 2.70 0.46
CA VAL A 47 11.64 2.66 0.21
C VAL A 47 11.96 1.74 -0.97
N MET A 48 11.44 0.50 -0.94
CA MET A 48 11.76 -0.48 -1.97
C MET A 48 11.47 -0.02 -3.38
N VAL A 49 10.35 0.72 -3.60
CA VAL A 49 10.00 1.13 -4.97
C VAL A 49 11.10 2.00 -5.62
N GLN A 50 11.90 2.64 -4.78
CA GLN A 50 12.95 3.56 -5.22
C GLN A 50 14.17 2.84 -5.79
N LEU A 51 14.34 1.57 -5.46
CA LEU A 51 15.50 0.78 -5.88
C LEU A 51 15.40 0.40 -7.35
N PRO A 52 16.53 0.09 -8.01
CA PRO A 52 16.47 -0.40 -9.39
C PRO A 52 15.87 -1.82 -9.41
N PRO A 53 15.40 -2.31 -10.57
CA PRO A 53 14.69 -3.61 -10.59
C PRO A 53 15.46 -4.84 -10.13
N GLU A 54 16.79 -4.83 -10.30
CA GLU A 54 17.58 -5.96 -9.82
C GLU A 54 17.67 -5.97 -8.28
N GLU A 55 17.17 -4.92 -7.65
CA GLU A 55 17.12 -4.80 -6.20
C GLU A 55 15.66 -4.85 -5.74
N GLY A 56 14.75 -5.13 -6.66
CA GLY A 56 13.34 -5.31 -6.34
C GLY A 56 12.48 -4.06 -6.41
N GLY A 57 13.01 -2.97 -6.91
CA GLY A 57 12.24 -1.74 -7.08
C GLY A 57 11.87 -1.43 -8.51
N LEU A 58 11.37 -0.21 -8.73
CA LEU A 58 10.93 0.25 -10.06
C LEU A 58 11.57 1.58 -10.40
N ASN A 59 12.72 1.92 -9.74
CA ASN A 59 13.40 3.22 -9.95
C ASN A 59 12.35 4.33 -9.88
N GLY A 60 11.45 4.23 -8.90
CA GLY A 60 10.35 5.18 -8.81
C GLY A 60 10.32 5.98 -7.54
N SER A 61 9.27 6.77 -7.39
CA SER A 61 9.01 7.53 -6.20
C SER A 61 7.63 7.07 -5.68
N ALA A 62 7.31 7.50 -4.47
CA ALA A 62 6.10 7.08 -3.77
C ALA A 62 5.30 8.28 -3.33
N MET A 63 3.99 8.07 -3.15
CA MET A 63 3.05 9.06 -2.63
C MET A 63 2.31 8.37 -1.52
N TYR A 64 2.21 9.02 -0.36
CA TYR A 64 1.62 8.40 0.81
C TYR A 64 0.50 9.27 1.36
N ILE A 65 -0.76 8.77 1.36
CA ILE A 65 -1.92 9.42 1.96
C ILE A 65 -2.11 8.73 3.32
N ASP A 66 -2.03 9.51 4.39
CA ASP A 66 -2.11 9.06 5.77
C ASP A 66 -3.46 9.54 6.33
N THR A 67 -4.29 8.63 6.83
CA THR A 67 -5.60 9.01 7.38
C THR A 67 -5.66 8.94 8.90
N GLU A 68 -4.72 8.23 9.54
CA GLU A 68 -4.70 7.99 11.00
C GLU A 68 -3.39 8.39 11.68
N ASN A 69 -2.59 9.29 11.08
CA ASN A 69 -1.29 9.71 11.63
C ASN A 69 -0.35 8.51 11.86
N THR A 70 -0.23 7.63 10.85
CA THR A 70 0.59 6.42 10.93
C THR A 70 1.96 6.59 10.31
N PHE A 71 2.17 7.66 9.51
CA PHE A 71 3.46 7.84 8.82
C PHE A 71 4.56 8.27 9.78
N ARG A 72 5.71 7.57 9.74
CA ARG A 72 6.84 7.88 10.63
C ARG A 72 8.05 8.11 9.76
N PRO A 73 8.39 9.39 9.46
CA PRO A 73 9.58 9.63 8.62
C PRO A 73 10.87 9.03 9.20
N GLU A 74 11.00 8.89 10.53
CA GLU A 74 12.20 8.31 11.14
C GLU A 74 12.29 6.82 10.85
N ARG A 75 11.13 6.16 10.70
CA ARG A 75 11.08 4.72 10.36
C ARG A 75 11.55 4.54 8.91
N LEU A 76 11.12 5.42 7.98
CA LEU A 76 11.62 5.39 6.61
C LEU A 76 13.11 5.59 6.61
N ARG A 77 13.60 6.57 7.42
CA ARG A 77 15.02 6.84 7.49
C ARG A 77 15.79 5.58 7.92
N GLU A 78 15.28 4.85 8.93
CA GLU A 78 15.93 3.65 9.49
C GLU A 78 15.98 2.52 8.43
N ILE A 79 14.88 2.32 7.71
CA ILE A 79 14.82 1.29 6.65
C ILE A 79 15.83 1.65 5.56
N ALA A 80 15.84 2.92 5.12
CA ALA A 80 16.76 3.33 4.07
C ALA A 80 18.23 3.11 4.50
N GLN A 81 18.58 3.55 5.70
CA GLN A 81 19.97 3.46 6.19
C GLN A 81 20.43 2.01 6.32
N ASN A 82 19.53 1.13 6.79
CA ASN A 82 19.85 -0.28 6.94
C ASN A 82 19.91 -1.05 5.62
N ARG A 83 19.38 -0.45 4.55
CA ARG A 83 19.39 -1.05 3.22
C ARG A 83 20.51 -0.50 2.32
N GLY A 84 21.38 0.33 2.89
CA GLY A 84 22.51 0.93 2.18
C GLY A 84 22.17 2.19 1.42
N LEU A 85 21.05 2.84 1.79
CA LEU A 85 20.55 4.02 1.08
C LEU A 85 20.70 5.31 1.83
N ASP A 86 20.65 6.44 1.10
CA ASP A 86 20.77 7.75 1.73
C ASP A 86 19.40 8.11 2.27
N PRO A 87 19.21 8.18 3.60
CA PRO A 87 17.87 8.51 4.12
C PRO A 87 17.28 9.82 3.65
N ASP A 88 18.10 10.89 3.51
CA ASP A 88 17.53 12.16 3.05
C ASP A 88 17.00 12.07 1.62
N GLU A 89 17.74 11.42 0.71
CA GLU A 89 17.34 11.27 -0.70
C GLU A 89 16.10 10.39 -0.78
N VAL A 90 16.03 9.37 0.09
CA VAL A 90 14.86 8.48 0.12
C VAL A 90 13.61 9.27 0.57
N LEU A 91 13.75 10.08 1.63
CA LEU A 91 12.60 10.89 2.08
C LEU A 91 12.15 11.92 1.01
N ASP A 92 13.12 12.43 0.21
CA ASP A 92 12.86 13.40 -0.86
C ASP A 92 12.03 12.76 -1.96
N ASN A 93 12.05 11.42 -2.05
CA ASN A 93 11.27 10.73 -3.09
C ASN A 93 9.92 10.23 -2.58
N VAL A 94 9.49 10.70 -1.41
CA VAL A 94 8.17 10.33 -0.91
C VAL A 94 7.36 11.63 -0.80
N ALA A 95 6.22 11.71 -1.50
CA ALA A 95 5.31 12.85 -1.32
C ALA A 95 4.32 12.37 -0.24
N TYR A 96 4.01 13.24 0.70
CA TYR A 96 3.17 12.86 1.84
C TYR A 96 2.03 13.80 2.04
N ALA A 97 0.84 13.27 2.35
CA ALA A 97 -0.30 14.15 2.69
C ALA A 97 -1.18 13.50 3.71
N ARG A 98 -1.60 14.29 4.70
CA ARG A 98 -2.53 13.82 5.70
C ARG A 98 -3.94 14.11 5.15
N ALA A 99 -4.83 13.11 5.12
CA ALA A 99 -6.20 13.32 4.68
C ALA A 99 -7.01 13.65 5.94
N PHE A 100 -7.70 14.78 5.93
CA PHE A 100 -8.42 15.24 7.12
C PHE A 100 -9.77 14.61 7.29
N ASN A 101 -10.37 14.16 6.19
CA ASN A 101 -11.67 13.49 6.15
C ASN A 101 -11.80 12.78 4.80
N SER A 102 -12.92 12.06 4.56
CA SER A 102 -13.07 11.28 3.33
C SER A 102 -13.13 12.13 2.08
N ASN A 103 -13.75 13.31 2.17
CA ASN A 103 -13.83 14.21 1.01
C ASN A 103 -12.47 14.77 0.66
N HIS A 104 -11.64 15.08 1.67
CA HIS A 104 -10.28 15.56 1.46
C HIS A 104 -9.43 14.42 0.90
N GLN A 105 -9.69 13.18 1.36
CA GLN A 105 -9.00 11.98 0.83
C GLN A 105 -9.29 11.86 -0.67
N MET A 106 -10.52 12.11 -1.11
N MET A 106 -10.53 12.11 -1.09
CA MET A 106 -10.84 12.05 -2.55
CA MET A 106 -10.96 12.07 -2.50
C MET A 106 -10.11 13.15 -3.32
C MET A 106 -10.27 13.17 -3.35
N LEU A 107 -10.11 14.37 -2.78
CA LEU A 107 -9.41 15.47 -3.44
C LEU A 107 -7.90 15.13 -3.58
N LEU A 108 -7.31 14.51 -2.54
CA LEU A 108 -5.89 14.12 -2.58
C LEU A 108 -5.56 13.16 -3.71
N VAL A 109 -6.48 12.25 -4.02
CA VAL A 109 -6.29 11.34 -5.14
C VAL A 109 -6.27 12.12 -6.48
N GLN A 110 -7.10 13.17 -6.64
CA GLN A 110 -7.09 13.99 -7.86
C GLN A 110 -5.78 14.76 -7.96
N GLN A 111 -5.29 15.27 -6.81
CA GLN A 111 -3.98 15.95 -6.76
C GLN A 111 -2.84 14.99 -7.07
N ALA A 112 -2.99 13.70 -6.69
CA ALA A 112 -1.94 12.70 -6.94
C ALA A 112 -1.75 12.56 -8.43
N GLU A 113 -2.84 12.60 -9.15
CA GLU A 113 -2.78 12.43 -10.60
C GLU A 113 -1.94 13.52 -11.27
N ASP A 114 -2.03 14.76 -10.77
CA ASP A 114 -1.23 15.88 -11.28
C ASP A 114 0.28 15.62 -11.12
N MET A 115 0.73 15.16 -9.92
CA MET A 115 2.15 14.82 -9.70
C MET A 115 2.55 13.64 -10.55
N ILE A 116 1.70 12.59 -10.61
CA ILE A 116 1.96 11.42 -11.43
C ILE A 116 2.13 11.86 -12.90
N LYS A 117 1.22 12.68 -13.42
CA LYS A 117 1.36 13.13 -14.82
C LYS A 117 2.66 13.91 -15.05
N GLU A 118 3.06 14.72 -14.06
CA GLU A 118 4.26 15.55 -14.12
C GLU A 118 5.54 14.73 -14.23
N LEU A 119 5.61 13.65 -13.45
CA LEU A 119 6.80 12.84 -13.37
C LEU A 119 6.81 11.62 -14.27
N LEU A 120 5.72 11.38 -15.01
CA LEU A 120 5.52 10.16 -15.79
C LEU A 120 6.66 9.78 -16.72
N ASN A 121 7.18 10.76 -17.45
CA ASN A 121 8.20 10.47 -18.45
C ASN A 121 9.61 10.84 -18.00
N THR A 122 9.80 11.02 -16.69
CA THR A 122 11.11 11.38 -16.14
C THR A 122 11.87 10.10 -15.82
N ASP A 123 13.08 10.22 -15.26
CA ASP A 123 13.88 9.03 -14.89
C ASP A 123 13.38 8.44 -13.56
N ARG A 124 12.52 9.17 -12.85
CA ARG A 124 11.97 8.66 -11.59
C ARG A 124 10.48 8.95 -11.48
N PRO A 125 9.67 8.18 -12.22
CA PRO A 125 8.23 8.44 -12.16
C PRO A 125 7.64 7.99 -10.84
N VAL A 126 6.42 8.43 -10.52
CA VAL A 126 5.73 7.87 -9.34
C VAL A 126 5.44 6.41 -9.69
N LYS A 127 5.73 5.47 -8.78
CA LYS A 127 5.39 4.07 -9.08
C LYS A 127 4.59 3.42 -8.01
N LEU A 128 4.33 4.16 -6.91
CA LEU A 128 3.56 3.63 -5.79
C LEU A 128 2.74 4.72 -5.15
N LEU A 129 1.47 4.40 -4.89
CA LEU A 129 0.58 5.31 -4.18
C LEU A 129 0.04 4.49 -3.01
N ILE A 130 0.29 4.96 -1.81
CA ILE A 130 -0.18 4.26 -0.60
C ILE A 130 -1.32 5.06 0.01
N VAL A 131 -2.39 4.35 0.43
CA VAL A 131 -3.47 4.96 1.18
C VAL A 131 -3.55 4.15 2.48
N ASP A 132 -3.14 4.75 3.60
CA ASP A 132 -3.12 4.11 4.92
C ASP A 132 -3.96 5.03 5.82
N SER A 133 -5.21 4.73 6.06
CA SER A 133 -5.91 3.50 5.67
C SER A 133 -6.99 3.93 4.74
N LEU A 134 -7.46 3.03 3.93
CA LEU A 134 -8.42 3.49 2.97
C LEU A 134 -9.76 3.82 3.59
N THR A 135 -10.21 3.01 4.54
CA THR A 135 -11.60 3.13 5.02
C THR A 135 -11.85 3.93 6.28
N SER A 136 -10.82 4.31 7.03
CA SER A 136 -11.08 4.90 8.35
C SER A 136 -12.06 6.09 8.38
N HIS A 137 -11.85 7.06 7.45
CA HIS A 137 -12.76 8.23 7.42
C HIS A 137 -14.13 7.88 6.91
N PHE A 138 -14.23 6.91 5.99
CA PHE A 138 -15.51 6.52 5.44
C PHE A 138 -16.35 5.82 6.52
N ARG A 139 -15.68 5.06 7.36
CA ARG A 139 -16.37 4.34 8.45
C ARG A 139 -16.79 5.28 9.56
N SER A 140 -16.08 6.38 9.77
CA SER A 140 -16.50 7.28 10.85
C SER A 140 -17.56 8.27 10.38
N GLU A 141 -17.57 8.59 9.09
CA GLU A 141 -18.49 9.59 8.54
C GLU A 141 -19.81 9.01 8.09
N TYR A 142 -19.79 7.85 7.40
CA TYR A 142 -20.98 7.18 6.88
C TYR A 142 -21.31 6.10 7.89
N ILE A 143 -22.12 6.47 8.89
CA ILE A 143 -22.35 5.59 10.03
C ILE A 143 -23.80 5.73 10.52
N GLY A 144 -24.36 4.63 10.98
CA GLY A 144 -25.74 4.65 11.46
C GLY A 144 -26.71 3.99 10.54
N ARG A 145 -28.00 4.20 10.82
CA ARG A 145 -29.10 3.57 10.10
C ARG A 145 -29.04 3.75 8.61
N GLY A 146 -29.02 2.64 7.89
CA GLY A 146 -28.95 2.65 6.44
C GLY A 146 -27.74 3.29 5.80
N ALA A 147 -26.65 3.57 6.57
CA ALA A 147 -25.44 4.20 6.01
C ALA A 147 -24.60 3.28 5.13
N LEU A 148 -24.81 1.94 5.23
CA LEU A 148 -24.03 0.92 4.50
C LEU A 148 -24.01 1.19 2.99
N ALA A 149 -25.19 1.45 2.40
CA ALA A 149 -25.33 1.69 0.97
C ALA A 149 -24.50 2.89 0.49
N GLU A 150 -24.71 4.07 1.10
CA GLU A 150 -23.93 5.25 0.75
C GLU A 150 -22.43 5.05 1.02
N ARG A 151 -22.04 4.45 2.16
CA ARG A 151 -20.59 4.24 2.42
C ARG A 151 -19.96 3.36 1.32
N GLN A 152 -20.65 2.26 0.96
CA GLN A 152 -20.11 1.34 -0.07
C GLN A 152 -20.07 1.98 -1.43
N GLN A 153 -21.04 2.87 -1.75
CA GLN A 153 -21.05 3.61 -3.01
C GLN A 153 -19.89 4.61 -3.09
N LYS A 154 -19.63 5.37 -1.99
CA LYS A 154 -18.52 6.33 -1.90
C LYS A 154 -17.17 5.59 -1.95
N LEU A 155 -17.05 4.44 -1.27
CA LEU A 155 -15.82 3.64 -1.29
C LEU A 155 -15.61 3.06 -2.66
N ALA A 156 -16.68 2.55 -3.31
CA ALA A 156 -16.60 1.97 -4.66
C ALA A 156 -16.07 2.98 -5.66
N LYS A 157 -16.52 4.24 -5.56
CA LYS A 157 -16.12 5.37 -6.41
C LYS A 157 -14.64 5.75 -6.18
N HIS A 158 -14.21 5.79 -4.90
CA HIS A 158 -12.86 6.11 -4.52
C HIS A 158 -11.93 5.03 -5.10
N LEU A 159 -12.34 3.74 -4.97
CA LEU A 159 -11.54 2.64 -5.48
C LEU A 159 -11.51 2.65 -7.00
N ALA A 160 -12.61 3.07 -7.65
CA ALA A 160 -12.58 3.17 -9.12
C ALA A 160 -11.53 4.22 -9.57
N ASP A 161 -11.46 5.39 -8.88
CA ASP A 161 -10.49 6.45 -9.18
C ASP A 161 -9.07 5.89 -9.02
N LEU A 162 -8.84 5.15 -7.93
CA LEU A 162 -7.50 4.55 -7.68
C LEU A 162 -7.16 3.49 -8.72
N HIS A 163 -8.14 2.65 -9.11
CA HIS A 163 -7.87 1.62 -10.16
C HIS A 163 -7.46 2.34 -11.45
N ARG A 164 -8.12 3.49 -11.73
CA ARG A 164 -7.81 4.25 -12.95
C ARG A 164 -6.38 4.77 -12.90
N LEU A 165 -5.92 5.33 -11.75
CA LEU A 165 -4.55 5.81 -11.66
C LEU A 165 -3.58 4.64 -11.84
N ALA A 166 -3.90 3.47 -11.19
CA ALA A 166 -3.01 2.32 -11.29
C ALA A 166 -2.86 1.84 -12.73
N ASN A 167 -3.98 1.82 -13.46
CA ASN A 167 -3.97 1.29 -14.83
C ASN A 167 -3.46 2.26 -15.87
N LEU A 168 -3.84 3.52 -15.76
CA LEU A 168 -3.49 4.55 -16.74
C LEU A 168 -2.03 4.95 -16.64
N TYR A 169 -1.52 5.02 -15.42
CA TYR A 169 -0.13 5.45 -15.18
C TYR A 169 0.88 4.38 -14.79
N ASP A 170 0.44 3.12 -14.78
CA ASP A 170 1.29 1.98 -14.46
C ASP A 170 1.92 2.15 -13.11
N ILE A 171 1.06 2.34 -12.11
CA ILE A 171 1.55 2.44 -10.75
C ILE A 171 0.92 1.35 -9.89
N ALA A 172 1.57 0.99 -8.79
CA ALA A 172 1.05 0.10 -7.77
C ALA A 172 0.31 0.93 -6.77
N VAL A 173 -0.95 0.53 -6.46
CA VAL A 173 -1.72 1.20 -5.43
C VAL A 173 -1.78 0.24 -4.26
N PHE A 174 -1.35 0.70 -3.08
CA PHE A 174 -1.26 -0.21 -1.91
C PHE A 174 -2.12 0.43 -0.85
N VAL A 175 -3.12 -0.27 -0.39
CA VAL A 175 -4.01 0.31 0.62
C VAL A 175 -4.08 -0.56 1.86
N THR A 176 -4.32 0.06 3.02
CA THR A 176 -4.44 -0.77 4.22
C THR A 176 -5.84 -0.63 4.77
N ASN A 177 -6.24 -1.60 5.59
CA ASN A 177 -7.59 -1.57 6.17
C ASN A 177 -7.54 -2.29 7.49
N GLN A 178 -8.28 -1.76 8.48
CA GLN A 178 -8.36 -2.28 9.85
C GLN A 178 -8.93 -3.67 10.07
N VAL A 179 -9.78 -4.20 9.13
CA VAL A 179 -10.45 -5.53 9.05
C VAL A 179 -11.77 -5.45 8.28
N GLY A 196 -19.23 -7.02 8.27
CA GLY A 196 -17.78 -6.86 8.14
C GLY A 196 -17.24 -7.87 7.15
N HIS A 197 -17.39 -9.16 7.48
CA HIS A 197 -17.01 -10.28 6.63
C HIS A 197 -17.96 -10.38 5.44
N ILE A 198 -19.21 -9.90 5.59
CA ILE A 198 -20.19 -9.95 4.51
C ILE A 198 -20.15 -8.74 3.56
N LEU A 199 -19.32 -7.72 3.84
CA LEU A 199 -19.28 -6.56 2.91
C LEU A 199 -18.52 -6.89 1.63
N ALA A 200 -18.88 -6.26 0.50
CA ALA A 200 -18.17 -6.42 -0.77
C ALA A 200 -16.85 -5.64 -0.70
N HIS A 201 -15.85 -6.04 -1.47
CA HIS A 201 -14.55 -5.35 -1.55
C HIS A 201 -14.17 -5.29 -3.04
N SER A 202 -13.47 -4.23 -3.48
CA SER A 202 -13.11 -4.08 -4.89
C SER A 202 -11.61 -4.06 -5.22
N ALA A 203 -10.74 -4.42 -4.25
CA ALA A 203 -9.28 -4.50 -4.46
C ALA A 203 -8.99 -5.60 -5.48
N THR A 204 -7.86 -5.53 -6.19
CA THR A 204 -7.46 -6.57 -7.15
C THR A 204 -7.03 -7.77 -6.30
N LEU A 205 -6.32 -7.47 -5.20
CA LEU A 205 -5.74 -8.53 -4.37
C LEU A 205 -5.86 -8.17 -2.92
N ARG A 206 -6.41 -9.08 -2.11
CA ARG A 206 -6.56 -8.84 -0.68
C ARG A 206 -5.65 -9.78 0.10
N VAL A 207 -4.95 -9.24 1.07
CA VAL A 207 -3.98 -9.98 1.88
C VAL A 207 -4.32 -9.78 3.34
N TYR A 208 -4.50 -10.88 4.07
CA TYR A 208 -4.77 -10.83 5.50
C TYR A 208 -3.48 -11.02 6.25
N LEU A 209 -3.17 -10.13 7.19
CA LEU A 209 -1.93 -10.23 7.98
C LEU A 209 -2.29 -10.43 9.41
N ARG A 210 -1.49 -11.25 10.11
N ARG A 210 -1.50 -11.25 10.11
CA ARG A 210 -1.75 -11.48 11.53
CA ARG A 210 -1.75 -11.47 11.54
C ARG A 210 -0.43 -11.65 12.26
C ARG A 210 -0.44 -11.63 12.27
N LYS A 211 -0.43 -11.33 13.58
CA LYS A 211 0.75 -11.44 14.44
C LYS A 211 1.01 -12.91 14.68
N GLY A 212 2.25 -13.31 14.50
CA GLY A 212 2.61 -14.72 14.66
C GLY A 212 3.41 -14.96 15.91
N LYS A 213 3.78 -16.24 16.11
CA LYS A 213 4.58 -16.87 17.19
C LYS A 213 5.52 -15.95 18.00
N GLY A 214 4.97 -14.82 18.47
CA GLY A 214 5.64 -13.81 19.28
C GLY A 214 6.47 -12.79 18.52
N GLY A 215 6.96 -13.17 17.35
CA GLY A 215 7.82 -12.29 16.57
C GLY A 215 7.47 -12.20 15.10
N LYS A 216 7.02 -13.29 14.52
CA LYS A 216 6.74 -13.24 13.11
C LYS A 216 5.41 -12.56 12.79
N ARG A 217 5.15 -12.37 11.50
CA ARG A 217 3.87 -11.94 10.99
C ARG A 217 3.53 -13.00 9.94
N ILE A 218 2.27 -13.31 9.75
CA ILE A 218 1.82 -14.31 8.80
C ILE A 218 0.90 -13.65 7.82
N ALA A 219 1.01 -13.99 6.52
CA ALA A 219 0.17 -13.41 5.48
C ALA A 219 -0.54 -14.50 4.73
N ARG A 220 -1.80 -14.28 4.40
CA ARG A 220 -2.63 -15.22 3.64
C ARG A 220 -3.36 -14.44 2.55
N LEU A 221 -3.51 -15.03 1.38
CA LEU A 221 -4.28 -14.40 0.32
C LEU A 221 -5.74 -14.75 0.54
N ILE A 222 -6.63 -13.80 0.31
CA ILE A 222 -8.06 -14.01 0.54
C ILE A 222 -8.77 -13.93 -0.80
N ASP A 223 -9.56 -14.96 -1.13
CA ASP A 223 -10.36 -15.07 -2.36
C ASP A 223 -9.56 -14.93 -3.64
N ALA A 224 -8.41 -15.62 -3.70
CA ALA A 224 -7.55 -15.61 -4.90
C ALA A 224 -7.30 -17.06 -5.36
N PRO A 225 -8.26 -17.69 -6.08
CA PRO A 225 -8.04 -19.08 -6.55
C PRO A 225 -6.90 -19.20 -7.57
N HIS A 226 -6.74 -18.15 -8.39
CA HIS A 226 -5.73 -17.97 -9.43
C HIS A 226 -4.29 -17.91 -8.91
N LEU A 227 -4.09 -17.57 -7.61
CA LEU A 227 -2.78 -17.48 -6.98
C LEU A 227 -2.46 -18.69 -6.05
N PRO A 228 -1.16 -19.03 -5.81
CA PRO A 228 -0.84 -20.24 -5.00
C PRO A 228 -1.35 -20.30 -3.56
N GLU A 229 -1.74 -21.53 -3.15
CA GLU A 229 -2.22 -21.90 -1.81
C GLU A 229 -1.00 -21.90 -0.88
N GLY A 230 -1.14 -21.25 0.26
CA GLY A 230 -0.06 -21.17 1.23
C GLY A 230 -0.12 -19.91 2.06
N GLU A 231 0.79 -19.81 3.01
CA GLU A 231 0.90 -18.64 3.85
C GLU A 231 2.35 -18.25 3.89
N ALA A 232 2.61 -16.94 3.96
CA ALA A 232 3.97 -16.44 4.05
C ALA A 232 4.26 -16.07 5.48
N VAL A 233 5.53 -16.15 5.87
CA VAL A 233 5.97 -15.74 7.19
C VAL A 233 7.08 -14.71 6.99
N PHE A 234 6.99 -13.59 7.71
CA PHE A 234 7.98 -12.53 7.61
C PHE A 234 8.19 -11.90 8.95
N SER A 235 9.24 -11.08 9.06
CA SER A 235 9.58 -10.43 10.31
C SER A 235 9.64 -8.93 10.10
N ILE A 236 9.36 -8.18 11.17
CA ILE A 236 9.47 -6.71 11.19
C ILE A 236 10.87 -6.50 11.77
N THR A 237 11.78 -5.84 11.02
CA THR A 237 13.15 -5.64 11.49
C THR A 237 13.59 -4.19 11.28
N GLU A 238 14.86 -3.92 11.52
CA GLU A 238 15.51 -2.63 11.28
C GLU A 238 15.56 -2.34 9.76
N LYS A 239 15.36 -3.37 8.91
CA LYS A 239 15.32 -3.16 7.46
C LYS A 239 13.87 -3.05 6.97
N GLY A 240 12.92 -2.95 7.91
CA GLY A 240 11.50 -2.88 7.61
C GLY A 240 10.91 -4.27 7.67
N ILE A 241 10.71 -4.87 6.51
CA ILE A 241 10.18 -6.23 6.31
C ILE A 241 11.28 -7.09 5.75
N GLU A 242 11.45 -8.30 6.31
CA GLU A 242 12.35 -9.31 5.78
C GLU A 242 11.92 -10.71 6.23
N ASP A 243 12.56 -11.78 5.70
CA ASP A 243 12.21 -13.14 6.13
C ASP A 243 12.48 -13.40 7.62
C5 NZW B . 9.79 14.43 5.41
C6 NZW B . 10.40 14.77 6.61
C4 NZW B . 8.43 14.15 5.35
C3 NZW B . 7.67 14.27 6.50
C2 NZW B . 8.25 14.64 7.70
C1 NZW B . 9.62 14.86 7.76
C9 NZW B . 7.14 15.89 3.03
C14 NZW B . 5.25 16.95 0.81
C13 NZW B . 6.22 19.03 1.86
C19 NZW B . -0.68 15.78 -2.98
C11 NZW B . 8.33 18.06 2.44
C10 NZW B . 7.44 16.91 1.94
C20 NZW B . -0.57 14.44 -2.56
C22 NZW B . -1.32 12.14 -2.46
C23 NZW B . -0.25 11.83 -1.62
O3 NZW B . 2.25 18.45 -1.61
C16 NZW B . 2.22 17.31 -1.17
C17 NZW B . 1.23 16.29 -1.68
N3 NZW B . 1.42 15.04 -1.29
C25 NZW B . 0.51 14.10 -1.71
C24 NZW B . 0.64 12.78 -1.25
C21 NZW B . -1.49 13.42 -2.92
C18 NZW B . 0.22 16.70 -2.55
N2 NZW B . 3.08 16.86 -0.27
C15 NZW B . 4.04 17.73 0.38
O2 NZW B . 5.35 15.76 0.55
N1 NZW B . 6.22 17.61 1.49
C12 NZW B . 7.36 19.14 2.85
O1 NZW B . 6.24 16.09 3.85
N NZW B . 7.90 14.79 3.03
C7 NZW B . 7.76 13.75 4.04
C8 NZW B . 8.27 12.42 3.47
O NZW B . 10.07 15.14 9.03
C NZW B . 11.46 15.39 9.21
CA CA C . 1.99 -2.47 11.14
#